data_5HYD
#
_entry.id   5HYD
#
_cell.length_a   34.326
_cell.length_b   96.948
_cell.length_c   115.572
_cell.angle_alpha   90.00
_cell.angle_beta   90.00
_cell.angle_gamma   90.00
#
_symmetry.space_group_name_H-M   'P 21 21 21'
#
loop_
_entity.id
_entity.type
_entity.pdbx_description
1 polymer 'Protein S100-Z'
2 water water
#
_entity_poly.entity_id   1
_entity_poly.type   'polypeptide(L)'
_entity_poly.pdbx_seq_one_letter_code
;MPTQLEMAMDTMIRIFHRYSGKERKRFKLSKGELKLLLQRELTEFLSCQKETQLVDKIVQDLDANKDNEVDFNEFVVMVA
ALTVACNDYFVEQLKKKGK
;
_entity_poly.pdbx_strand_id   A,B,C,D
#
# COMPACT_ATOMS: atom_id res chain seq x y z
N PRO A 2 -16.42 -6.52 4.19
CA PRO A 2 -15.71 -7.26 3.15
C PRO A 2 -16.04 -8.74 3.16
N THR A 3 -15.67 -9.46 2.11
CA THR A 3 -15.93 -10.89 2.06
C THR A 3 -14.96 -11.63 2.99
N GLN A 4 -15.13 -12.95 3.03
CA GLN A 4 -14.28 -13.79 3.88
C GLN A 4 -12.84 -13.80 3.36
N LEU A 5 -12.67 -13.92 2.04
CA LEU A 5 -11.31 -13.94 1.49
C LEU A 5 -10.59 -12.62 1.75
N GLU A 6 -11.28 -11.50 1.55
CA GLU A 6 -10.64 -10.20 1.75
C GLU A 6 -10.27 -9.98 3.21
N MET A 7 -11.11 -10.43 4.14
CA MET A 7 -10.80 -10.26 5.56
C MET A 7 -9.61 -11.14 5.98
N ALA A 8 -9.52 -12.34 5.41
CA ALA A 8 -8.35 -13.18 5.67
C ALA A 8 -7.09 -12.54 5.10
N MET A 9 -7.18 -12.01 3.88
CA MET A 9 -6.03 -11.36 3.27
C MET A 9 -5.60 -10.13 4.03
N ASP A 10 -6.56 -9.34 4.53
CA ASP A 10 -6.22 -8.16 5.32
C ASP A 10 -5.48 -8.56 6.59
N THR A 11 -5.93 -9.63 7.24
CA THR A 11 -5.28 -10.08 8.47
C THR A 11 -3.85 -10.51 8.21
N MET A 12 -3.62 -11.19 7.08
CA MET A 12 -2.29 -11.71 6.82
C MET A 12 -1.33 -10.61 6.38
N ILE A 13 -1.81 -9.63 5.62
CA ILE A 13 -0.95 -8.52 5.24
C ILE A 13 -0.60 -7.69 6.47
N ARG A 14 -1.58 -7.42 7.32
CA ARG A 14 -1.33 -6.74 8.59
C ARG A 14 -0.27 -7.48 9.41
N ILE A 15 -0.46 -8.80 9.60
CA ILE A 15 0.48 -9.56 10.43
C ILE A 15 1.85 -9.59 9.78
N PHE A 16 1.90 -9.66 8.46
CA PHE A 16 3.18 -9.63 7.74
C PHE A 16 3.94 -8.35 8.07
N HIS A 17 3.28 -7.20 7.94
CA HIS A 17 3.98 -5.93 8.11
C HIS A 17 4.13 -5.52 9.56
N ARG A 18 3.50 -6.22 10.50
CA ARG A 18 3.79 -6.02 11.91
C ARG A 18 5.24 -6.32 12.22
N TYR A 19 5.86 -7.24 11.47
CA TYR A 19 7.23 -7.65 11.70
C TYR A 19 8.19 -7.06 10.68
N SER A 20 7.71 -6.16 9.83
CA SER A 20 8.53 -5.51 8.81
C SER A 20 9.39 -4.41 9.41
N GLY A 21 10.63 -4.30 8.93
CA GLY A 21 11.45 -3.16 9.27
C GLY A 21 10.99 -1.90 8.57
N LYS A 22 11.22 -0.76 9.23
CA LYS A 22 10.65 0.50 8.75
C LYS A 22 11.31 0.99 7.47
N GLU A 23 12.48 0.45 7.13
CA GLU A 23 13.22 0.84 5.95
C GLU A 23 12.99 -0.08 4.75
N ARG A 24 12.35 -1.23 4.98
CA ARG A 24 12.26 -2.24 3.94
C ARG A 24 11.15 -1.92 2.96
N LYS A 25 11.39 -2.26 1.69
CA LYS A 25 10.35 -2.22 0.68
C LYS A 25 9.14 -3.04 1.14
N ARG A 26 7.94 -2.47 0.97
CA ARG A 26 6.73 -3.16 1.41
C ARG A 26 6.62 -4.54 0.75
N PHE A 27 6.01 -5.46 1.49
CA PHE A 27 5.82 -6.85 1.08
C PHE A 27 7.14 -7.62 1.00
N LYS A 28 8.11 -7.23 1.84
CA LYS A 28 9.36 -7.96 1.99
C LYS A 28 9.74 -7.98 3.47
N LEU A 29 10.40 -9.07 3.87
CA LEU A 29 10.92 -9.20 5.23
C LEU A 29 12.32 -9.77 5.16
N SER A 30 13.09 -9.52 6.22
CA SER A 30 14.30 -10.29 6.42
C SER A 30 13.98 -11.62 7.06
N LYS A 31 14.80 -12.63 6.76
CA LYS A 31 14.53 -13.95 7.32
C LYS A 31 14.58 -13.93 8.84
N GLY A 32 15.39 -13.06 9.44
CA GLY A 32 15.35 -12.91 10.88
C GLY A 32 13.98 -12.43 11.36
N GLU A 33 13.41 -11.45 10.66
CA GLU A 33 12.07 -10.96 11.02
C GLU A 33 11.02 -12.04 10.78
N LEU A 34 11.16 -12.80 9.70
CA LEU A 34 10.26 -13.93 9.45
C LEU A 34 10.29 -14.91 10.60
N LYS A 35 11.48 -15.25 11.10
CA LYS A 35 11.59 -16.17 12.22
C LYS A 35 10.85 -15.65 13.45
N LEU A 36 11.03 -14.37 13.76
CA LEU A 36 10.30 -13.80 14.89
C LEU A 36 8.79 -13.89 14.65
N LEU A 37 8.36 -13.68 13.41
CA LEU A 37 6.94 -13.79 13.07
C LEU A 37 6.42 -15.18 13.43
N LEU A 38 7.15 -16.23 13.04
CA LEU A 38 6.68 -17.59 13.28
C LEU A 38 6.62 -17.89 14.76
N GLN A 39 7.62 -17.48 15.53
CA GLN A 39 7.64 -17.75 16.96
C GLN A 39 6.47 -17.08 17.69
N ARG A 40 5.97 -15.98 17.15
CA ARG A 40 4.93 -15.20 17.82
C ARG A 40 3.54 -15.41 17.25
N GLU A 41 3.43 -15.83 15.99
CA GLU A 41 2.13 -15.86 15.31
C GLU A 41 1.62 -17.27 15.02
N LEU A 42 2.41 -18.30 15.29
CA LEU A 42 1.96 -19.68 15.15
C LEU A 42 1.79 -20.31 16.53
N THR A 43 0.84 -21.26 16.61
CA THR A 43 0.49 -21.90 17.87
C THR A 43 1.62 -22.81 18.34
N GLU A 44 2.15 -22.53 19.53
CA GLU A 44 3.16 -23.37 20.19
C GLU A 44 4.31 -23.72 19.24
N PHE A 45 4.83 -22.69 18.57
CA PHE A 45 5.81 -22.94 17.51
C PHE A 45 7.12 -23.46 18.06
N LEU A 46 7.53 -23.00 19.25
CA LEU A 46 8.78 -23.47 19.84
C LEU A 46 8.70 -24.95 20.18
N SER A 47 7.56 -25.40 20.69
CA SER A 47 7.38 -26.83 20.90
C SER A 47 7.45 -27.58 19.59
N CYS A 48 6.70 -27.11 18.58
CA CYS A 48 6.67 -27.79 17.29
C CYS A 48 8.06 -27.85 16.67
N GLN A 49 8.83 -26.77 16.75
CA GLN A 49 10.10 -26.71 16.02
C GLN A 49 11.18 -27.56 16.67
N LYS A 50 11.13 -27.74 17.99
CA LYS A 50 12.13 -28.54 18.66
C LYS A 50 11.88 -30.05 18.50
N GLU A 51 10.64 -30.47 18.25
CA GLU A 51 10.31 -31.88 18.14
C GLU A 51 10.18 -32.39 16.71
N THR A 52 10.23 -31.50 15.72
CA THR A 52 10.03 -31.86 14.32
C THR A 52 11.26 -31.45 13.52
N GLN A 53 11.97 -32.44 12.97
CA GLN A 53 13.21 -32.17 12.22
C GLN A 53 12.98 -31.20 11.08
N LEU A 54 11.86 -31.34 10.37
CA LEU A 54 11.56 -30.49 9.23
C LEU A 54 11.45 -29.01 9.64
N VAL A 55 10.67 -28.72 10.67
CA VAL A 55 10.54 -27.34 11.13
C VAL A 55 11.86 -26.83 11.67
N ASP A 56 12.62 -27.70 12.33
CA ASP A 56 13.93 -27.29 12.83
C ASP A 56 14.87 -26.90 11.69
N LYS A 57 14.91 -27.69 10.61
CA LYS A 57 15.84 -27.36 9.54
C LYS A 57 15.43 -26.09 8.81
N ILE A 58 14.13 -25.86 8.67
CA ILE A 58 13.65 -24.61 8.09
C ILE A 58 14.10 -23.42 8.93
N VAL A 59 13.93 -23.51 10.25
CA VAL A 59 14.21 -22.38 11.12
C VAL A 59 15.71 -22.11 11.20
N GLN A 60 16.54 -23.15 11.17
CA GLN A 60 17.99 -22.91 11.23
C GLN A 60 18.51 -22.28 9.94
N ASP A 61 17.84 -22.51 8.81
CA ASP A 61 18.21 -21.81 7.59
C ASP A 61 17.86 -20.33 7.68
N LEU A 62 16.75 -20.01 8.35
CA LEU A 62 16.42 -18.62 8.61
C LEU A 62 17.51 -17.95 9.44
N ASP A 63 18.12 -18.71 10.36
CA ASP A 63 19.21 -18.16 11.17
C ASP A 63 20.47 -17.95 10.35
N ALA A 64 20.78 -18.88 9.44
CA ALA A 64 22.02 -18.80 8.69
C ALA A 64 22.01 -17.60 7.74
N ASN A 65 20.86 -17.27 7.16
CA ASN A 65 20.72 -16.17 6.23
C ASN A 65 19.78 -15.10 6.76
N LYS A 66 19.94 -14.74 8.04
CA LYS A 66 18.95 -13.89 8.72
C LYS A 66 18.79 -12.52 8.07
N ASP A 67 19.77 -12.07 7.29
CA ASP A 67 19.69 -10.75 6.67
C ASP A 67 19.21 -10.78 5.23
N ASN A 68 19.19 -11.95 4.58
CA ASN A 68 18.52 -12.08 3.30
C ASN A 68 17.05 -11.76 3.44
N GLU A 69 16.45 -11.26 2.37
CA GLU A 69 15.07 -10.82 2.41
C GLU A 69 14.15 -11.83 1.72
N VAL A 70 12.95 -11.96 2.25
CA VAL A 70 11.93 -12.83 1.66
C VAL A 70 10.79 -11.97 1.17
N ASP A 71 10.16 -12.40 0.08
CA ASP A 71 8.99 -11.70 -0.44
C ASP A 71 7.72 -12.33 0.13
N PHE A 72 6.57 -11.78 -0.26
CA PHE A 72 5.30 -12.27 0.25
C PHE A 72 5.04 -13.71 -0.19
N ASN A 73 5.45 -14.07 -1.41
CA ASN A 73 5.25 -15.43 -1.90
C ASN A 73 6.00 -16.44 -1.04
N GLU A 74 7.26 -16.15 -0.72
CA GLU A 74 8.03 -17.10 0.08
C GLU A 74 7.47 -17.23 1.47
N PHE A 75 7.05 -16.10 2.06
CA PHE A 75 6.38 -16.12 3.35
C PHE A 75 5.14 -17.01 3.32
N VAL A 76 4.34 -16.93 2.25
CA VAL A 76 3.13 -17.75 2.16
C VAL A 76 3.49 -19.22 2.02
N VAL A 77 4.56 -19.53 1.29
CA VAL A 77 5.00 -20.93 1.19
C VAL A 77 5.36 -21.47 2.57
N MET A 78 6.17 -20.71 3.32
CA MET A 78 6.65 -21.18 4.63
C MET A 78 5.50 -21.39 5.60
N VAL A 79 4.65 -20.38 5.78
CA VAL A 79 3.55 -20.49 6.73
C VAL A 79 2.69 -21.70 6.41
N ALA A 80 2.31 -21.85 5.14
CA ALA A 80 1.47 -22.98 4.74
C ALA A 80 2.14 -24.30 5.04
N ALA A 81 3.44 -24.41 4.77
CA ALA A 81 4.14 -25.67 5.04
C ALA A 81 4.28 -25.91 6.53
N LEU A 82 4.57 -24.86 7.30
CA LEU A 82 4.80 -25.01 8.73
C LEU A 82 3.52 -25.37 9.47
N THR A 83 2.40 -24.71 9.14
CA THR A 83 1.12 -25.05 9.76
C THR A 83 0.75 -26.50 9.49
N VAL A 84 0.96 -26.98 8.26
CA VAL A 84 0.69 -28.38 7.94
C VAL A 84 1.53 -29.30 8.80
N ALA A 85 2.83 -29.00 8.91
CA ALA A 85 3.71 -29.88 9.68
C ALA A 85 3.41 -29.79 11.17
N CYS A 86 3.02 -28.61 11.65
CA CYS A 86 2.76 -28.48 13.08
C CYS A 86 1.42 -29.10 13.47
N ASN A 87 0.44 -29.11 12.56
CA ASN A 87 -0.85 -29.73 12.85
C ASN A 87 -0.71 -31.25 13.00
N ASP A 88 0.01 -31.90 12.07
CA ASP A 88 0.34 -33.31 12.27
C ASP A 88 0.96 -33.53 13.62
N TYR A 89 1.84 -32.62 14.03
CA TYR A 89 2.52 -32.78 15.30
C TYR A 89 1.57 -32.59 16.47
N PHE A 90 0.68 -31.59 16.39
CA PHE A 90 -0.28 -31.39 17.47
C PHE A 90 -1.25 -32.55 17.58
N VAL A 91 -1.78 -33.01 16.44
CA VAL A 91 -2.73 -34.11 16.44
C VAL A 91 -2.10 -35.35 17.09
N GLU A 92 -0.86 -35.67 16.73
CA GLU A 92 -0.20 -36.83 17.32
C GLU A 92 0.07 -36.64 18.80
N GLN A 93 0.37 -35.42 19.24
CA GLN A 93 0.55 -35.19 20.67
C GLN A 93 -0.74 -35.45 21.45
N LEU A 94 -1.91 -35.24 20.83
CA LEU A 94 -3.17 -35.52 21.51
C LEU A 94 -3.31 -37.01 21.79
N LYS A 95 -2.86 -37.86 20.87
CA LYS A 95 -2.87 -39.30 21.10
C LYS A 95 -1.82 -39.76 22.10
N LYS A 96 -0.78 -38.97 22.33
CA LYS A 96 0.19 -39.33 23.37
C LYS A 96 -0.29 -38.91 24.75
N LYS A 97 -1.02 -37.81 24.84
CA LYS A 97 -1.42 -37.21 26.11
C LYS A 97 -2.32 -38.15 26.90
N PRO B 2 -6.71 -21.83 17.19
CA PRO B 2 -5.63 -21.36 16.32
C PRO B 2 -5.39 -19.86 16.48
N THR B 3 -4.19 -19.39 16.12
CA THR B 3 -3.89 -17.97 16.10
C THR B 3 -4.58 -17.31 14.90
N GLN B 4 -4.52 -15.97 14.89
CA GLN B 4 -5.19 -15.21 13.83
C GLN B 4 -4.56 -15.47 12.47
N LEU B 5 -3.23 -15.60 12.42
CA LEU B 5 -2.58 -15.91 11.16
C LEU B 5 -2.97 -17.29 10.66
N GLU B 6 -3.10 -18.25 11.59
CA GLU B 6 -3.50 -19.60 11.23
C GLU B 6 -4.95 -19.64 10.77
N MET B 7 -5.82 -18.90 11.43
CA MET B 7 -7.21 -18.89 11.01
C MET B 7 -7.36 -18.19 9.66
N ALA B 8 -6.57 -17.14 9.41
CA ALA B 8 -6.62 -16.47 8.10
C ALA B 8 -6.15 -17.41 7.01
N MET B 9 -5.04 -18.10 7.23
CA MET B 9 -4.57 -19.08 6.25
C MET B 9 -5.58 -20.21 6.08
N ASP B 10 -6.22 -20.63 7.18
CA ASP B 10 -7.27 -21.65 7.10
C ASP B 10 -8.40 -21.22 6.17
N THR B 11 -8.86 -19.98 6.32
CA THR B 11 -9.93 -19.48 5.46
C THR B 11 -9.54 -19.56 4.00
N MET B 12 -8.28 -19.26 3.68
CA MET B 12 -7.88 -19.26 2.28
C MET B 12 -7.69 -20.67 1.72
N ILE B 13 -7.10 -21.58 2.50
CA ILE B 13 -7.04 -22.98 2.10
C ILE B 13 -8.45 -23.51 1.87
N ARG B 14 -9.38 -23.14 2.75
CA ARG B 14 -10.75 -23.61 2.64
C ARG B 14 -11.42 -23.11 1.37
N ILE B 15 -11.28 -21.81 1.10
CA ILE B 15 -11.88 -21.25 -0.12
C ILE B 15 -11.19 -21.81 -1.35
N PHE B 16 -9.86 -21.95 -1.28
CA PHE B 16 -9.11 -22.55 -2.38
C PHE B 16 -9.65 -23.92 -2.75
N HIS B 17 -9.96 -24.75 -1.76
CA HIS B 17 -10.35 -26.13 -2.02
C HIS B 17 -11.80 -26.27 -2.48
N ARG B 18 -12.69 -25.34 -2.12
CA ARG B 18 -14.08 -25.50 -2.49
C ARG B 18 -14.35 -25.13 -3.95
N TYR B 19 -13.50 -24.30 -4.55
CA TYR B 19 -13.52 -24.10 -5.99
C TYR B 19 -12.58 -25.05 -6.72
N SER B 20 -11.94 -25.97 -5.99
CA SER B 20 -11.06 -26.95 -6.60
C SER B 20 -11.86 -28.09 -7.22
N GLY B 21 -11.45 -28.51 -8.41
CA GLY B 21 -12.08 -29.63 -9.09
C GLY B 21 -11.55 -30.97 -8.59
N LYS B 22 -11.96 -32.03 -9.28
CA LYS B 22 -11.59 -33.38 -8.88
C LYS B 22 -10.20 -33.75 -9.37
N GLU B 23 -9.79 -33.25 -10.54
CA GLU B 23 -8.59 -33.72 -11.20
C GLU B 23 -7.33 -32.97 -10.76
N ARG B 24 -7.35 -32.45 -9.54
CA ARG B 24 -6.35 -31.51 -9.06
C ARG B 24 -5.44 -32.16 -8.04
N LYS B 25 -4.14 -32.17 -8.32
CA LYS B 25 -3.15 -32.39 -7.27
C LYS B 25 -3.35 -31.32 -6.20
N ARG B 26 -3.52 -31.75 -4.95
CA ARG B 26 -3.91 -30.84 -3.88
C ARG B 26 -2.96 -29.64 -3.81
N PHE B 27 -3.53 -28.48 -3.46
CA PHE B 27 -2.82 -27.20 -3.44
C PHE B 27 -2.45 -26.73 -4.85
N LYS B 28 -3.33 -27.00 -5.81
CA LYS B 28 -3.23 -26.44 -7.15
C LYS B 28 -4.63 -26.18 -7.68
N LEU B 29 -4.72 -25.26 -8.63
CA LEU B 29 -6.00 -24.79 -9.12
C LEU B 29 -5.81 -24.27 -10.54
N SER B 30 -6.83 -24.47 -11.39
CA SER B 30 -6.74 -23.99 -12.76
C SER B 30 -7.15 -22.52 -12.85
N LYS B 31 -6.56 -21.82 -13.82
CA LYS B 31 -6.84 -20.40 -13.98
C LYS B 31 -8.31 -20.14 -14.24
N GLY B 32 -9.01 -21.07 -14.90
CA GLY B 32 -10.43 -20.93 -15.08
C GLY B 32 -11.21 -21.04 -13.79
N GLU B 33 -10.86 -22.03 -12.96
CA GLU B 33 -11.49 -22.15 -11.65
C GLU B 33 -11.19 -20.94 -10.78
N LEU B 34 -9.96 -20.43 -10.87
CA LEU B 34 -9.59 -19.22 -10.12
C LEU B 34 -10.46 -18.03 -10.51
N LYS B 35 -10.73 -17.87 -11.81
CA LYS B 35 -11.56 -16.77 -12.26
C LYS B 35 -12.94 -16.83 -11.61
N LEU B 36 -13.53 -18.02 -11.53
CA LEU B 36 -14.80 -18.19 -10.82
C LEU B 36 -14.65 -17.84 -9.34
N LEU B 37 -13.55 -18.28 -8.73
CA LEU B 37 -13.29 -17.95 -7.34
C LEU B 37 -13.29 -16.43 -7.13
N LEU B 38 -12.51 -15.71 -7.93
CA LEU B 38 -12.38 -14.28 -7.74
C LEU B 38 -13.70 -13.55 -7.94
N GLN B 39 -14.49 -13.99 -8.93
CA GLN B 39 -15.76 -13.31 -9.21
C GLN B 39 -16.75 -13.45 -8.05
N ARG B 40 -16.72 -14.58 -7.34
CA ARG B 40 -17.69 -14.87 -6.30
C ARG B 40 -17.18 -14.57 -4.90
N GLU B 41 -15.86 -14.44 -4.71
CA GLU B 41 -15.29 -14.31 -3.38
C GLU B 41 -14.71 -12.93 -3.09
N LEU B 42 -14.59 -12.06 -4.10
CA LEU B 42 -14.17 -10.69 -3.88
C LEU B 42 -15.36 -9.76 -4.12
N THR B 43 -15.39 -8.66 -3.39
CA THR B 43 -16.50 -7.73 -3.49
C THR B 43 -16.49 -7.05 -4.87
N GLU B 44 -17.61 -7.16 -5.58
CA GLU B 44 -17.84 -6.53 -6.88
C GLU B 44 -16.58 -6.60 -7.76
N PHE B 45 -16.14 -7.84 -8.01
CA PHE B 45 -14.87 -8.03 -8.70
C PHE B 45 -14.91 -7.52 -10.14
N LEU B 46 -16.06 -7.65 -10.81
CA LEU B 46 -16.14 -7.25 -12.21
C LEU B 46 -15.99 -5.75 -12.37
N SER B 47 -16.43 -4.96 -11.39
CA SER B 47 -16.35 -3.51 -11.50
C SER B 47 -14.94 -3.00 -11.22
N CYS B 48 -14.19 -3.67 -10.34
CA CYS B 48 -12.79 -3.32 -10.16
C CYS B 48 -11.99 -3.56 -11.43
N GLN B 49 -12.43 -4.49 -12.26
CA GLN B 49 -11.76 -4.78 -13.53
C GLN B 49 -11.85 -3.59 -14.48
N LYS B 50 -12.96 -2.86 -14.45
CA LYS B 50 -13.13 -1.67 -15.29
C LYS B 50 -12.48 -0.44 -14.69
N GLU B 51 -11.88 -0.55 -13.50
CA GLU B 51 -11.27 0.60 -12.84
C GLU B 51 -9.76 0.52 -12.77
N THR B 52 -9.18 -0.66 -12.97
CA THR B 52 -7.73 -0.86 -12.89
C THR B 52 -7.26 -1.54 -14.16
N GLN B 53 -6.16 -1.05 -14.73
CA GLN B 53 -5.58 -1.71 -15.89
C GLN B 53 -5.07 -3.08 -15.52
N LEU B 54 -4.39 -3.21 -14.38
CA LEU B 54 -3.74 -4.48 -14.03
C LEU B 54 -4.77 -5.60 -13.79
N VAL B 55 -5.84 -5.30 -13.06
CA VAL B 55 -6.87 -6.31 -12.83
C VAL B 55 -7.46 -6.78 -14.16
N ASP B 56 -7.60 -5.87 -15.13
CA ASP B 56 -8.05 -6.29 -16.44
C ASP B 56 -7.05 -7.23 -17.10
N LYS B 57 -5.76 -6.98 -16.93
CA LYS B 57 -4.75 -7.84 -17.55
C LYS B 57 -4.82 -9.25 -16.98
N ILE B 58 -4.91 -9.36 -15.65
CA ILE B 58 -4.93 -10.67 -15.00
C ILE B 58 -6.12 -11.49 -15.47
N VAL B 59 -7.30 -10.86 -15.55
CA VAL B 59 -8.50 -11.58 -15.95
C VAL B 59 -8.35 -12.12 -17.37
N GLN B 60 -7.75 -11.34 -18.27
CA GLN B 60 -7.54 -11.82 -19.63
C GLN B 60 -6.45 -12.88 -19.71
N ASP B 61 -5.49 -12.87 -18.77
CA ASP B 61 -4.57 -14.00 -18.65
C ASP B 61 -5.29 -15.23 -18.11
N LEU B 62 -6.28 -15.03 -17.24
CA LEU B 62 -7.04 -16.16 -16.71
C LEU B 62 -7.87 -16.83 -17.79
N ASP B 63 -8.33 -16.08 -18.79
CA ASP B 63 -9.12 -16.65 -19.87
C ASP B 63 -8.26 -17.24 -20.97
N ALA B 64 -7.10 -16.63 -21.27
CA ALA B 64 -6.24 -17.15 -22.31
C ALA B 64 -5.65 -18.50 -21.92
N ASN B 65 -5.18 -18.62 -20.69
CA ASN B 65 -4.66 -19.89 -20.20
C ASN B 65 -5.63 -20.52 -19.22
N LYS B 66 -6.87 -20.75 -19.67
CA LYS B 66 -7.92 -21.27 -18.79
C LYS B 66 -7.52 -22.58 -18.13
N ASP B 67 -6.73 -23.42 -18.82
CA ASP B 67 -6.45 -24.76 -18.33
C ASP B 67 -5.11 -24.90 -17.62
N ASN B 68 -4.25 -23.89 -17.68
CA ASN B 68 -3.05 -23.91 -16.85
C ASN B 68 -3.44 -23.89 -15.38
N GLU B 69 -2.54 -24.37 -14.52
CA GLU B 69 -2.83 -24.51 -13.11
C GLU B 69 -1.87 -23.66 -12.29
N VAL B 70 -2.36 -23.15 -11.16
CA VAL B 70 -1.57 -22.34 -10.24
C VAL B 70 -1.55 -23.03 -8.89
N ASP B 71 -0.43 -22.91 -8.18
CA ASP B 71 -0.34 -23.49 -6.85
C ASP B 71 -0.92 -22.52 -5.83
N PHE B 72 -1.01 -22.98 -4.58
CA PHE B 72 -1.74 -22.25 -3.55
C PHE B 72 -1.09 -20.90 -3.25
N ASN B 73 0.25 -20.85 -3.23
CA ASN B 73 0.93 -19.58 -2.91
C ASN B 73 0.71 -18.55 -4.00
N GLU B 74 0.71 -18.98 -5.27
CA GLU B 74 0.41 -18.07 -6.38
C GLU B 74 -0.97 -17.44 -6.21
N PHE B 75 -1.96 -18.27 -5.87
CA PHE B 75 -3.32 -17.79 -5.63
C PHE B 75 -3.34 -16.74 -4.52
N VAL B 76 -2.68 -17.05 -3.39
CA VAL B 76 -2.66 -16.11 -2.28
C VAL B 76 -1.99 -14.80 -2.69
N VAL B 77 -0.87 -14.89 -3.43
CA VAL B 77 -0.18 -13.68 -3.85
C VAL B 77 -1.08 -12.85 -4.76
N MET B 78 -1.78 -13.50 -5.68
CA MET B 78 -2.70 -12.79 -6.57
C MET B 78 -3.79 -12.09 -5.77
N VAL B 79 -4.41 -12.80 -4.81
CA VAL B 79 -5.42 -12.19 -3.96
C VAL B 79 -4.86 -10.96 -3.24
N ALA B 80 -3.62 -11.05 -2.78
CA ALA B 80 -2.99 -9.89 -2.15
C ALA B 80 -2.90 -8.73 -3.14
N ALA B 81 -2.63 -9.03 -4.40
CA ALA B 81 -2.55 -8.00 -5.42
C ALA B 81 -3.93 -7.40 -5.70
N LEU B 82 -4.94 -8.25 -5.87
CA LEU B 82 -6.28 -7.75 -6.19
C LEU B 82 -6.86 -6.94 -5.05
N THR B 83 -6.68 -7.40 -3.81
CA THR B 83 -7.23 -6.66 -2.68
C THR B 83 -6.55 -5.31 -2.54
N VAL B 84 -5.24 -5.27 -2.72
CA VAL B 84 -4.54 -3.98 -2.70
C VAL B 84 -5.02 -3.09 -3.85
N ALA B 85 -5.18 -3.68 -5.04
CA ALA B 85 -5.52 -2.88 -6.21
C ALA B 85 -6.98 -2.44 -6.20
N CYS B 86 -7.88 -3.29 -5.71
CA CYS B 86 -9.31 -3.00 -5.81
C CYS B 86 -9.81 -2.09 -4.69
N ASN B 87 -9.16 -2.13 -3.52
CA ASN B 87 -9.58 -1.29 -2.41
C ASN B 87 -8.50 -0.26 -2.09
N ASP B 88 -8.02 0.45 -3.12
CA ASP B 88 -7.03 1.48 -2.88
C ASP B 88 -7.66 2.67 -2.18
N TYR B 89 -6.97 3.19 -1.18
CA TYR B 89 -7.47 4.33 -0.41
C TYR B 89 -7.80 5.51 -1.32
N PHE B 90 -6.89 5.82 -2.25
CA PHE B 90 -7.06 7.02 -3.06
C PHE B 90 -8.20 6.87 -4.08
N VAL B 91 -8.25 5.72 -4.76
CA VAL B 91 -9.26 5.52 -5.79
C VAL B 91 -10.66 5.55 -5.18
N GLU B 92 -10.83 4.91 -4.03
CA GLU B 92 -12.15 4.82 -3.42
C GLU B 92 -12.67 6.19 -3.03
N GLN B 93 -11.81 7.06 -2.51
CA GLN B 93 -12.27 8.38 -2.10
C GLN B 93 -12.53 9.31 -3.28
N LEU B 94 -12.12 8.91 -4.49
CA LEU B 94 -12.54 9.65 -5.68
C LEU B 94 -13.99 9.33 -6.06
N LYS B 95 -14.39 8.07 -5.88
CA LYS B 95 -15.73 7.62 -6.25
C LYS B 95 -16.76 8.02 -5.19
N LYS B 96 -16.82 9.33 -4.93
CA LYS B 96 -17.77 9.87 -3.97
C LYS B 96 -19.13 10.12 -4.62
N PRO C 2 17.77 21.41 0.35
CA PRO C 2 16.50 20.76 0.71
C PRO C 2 16.66 19.26 0.97
N THR C 3 15.90 18.74 1.94
CA THR C 3 15.79 17.29 2.12
C THR C 3 14.95 16.70 0.98
N GLN C 4 14.80 15.38 1.00
CA GLN C 4 14.10 14.74 -0.11
C GLN C 4 12.58 14.81 0.03
N LEU C 5 12.05 14.87 1.26
CA LEU C 5 10.62 15.12 1.42
C LEU C 5 10.25 16.51 0.92
N GLU C 6 11.05 17.52 1.30
CA GLU C 6 10.83 18.86 0.77
C GLU C 6 10.95 18.87 -0.75
N MET C 7 11.94 18.15 -1.28
CA MET C 7 12.12 18.15 -2.73
C MET C 7 10.97 17.42 -3.43
N ALA C 8 10.48 16.33 -2.83
CA ALA C 8 9.26 15.70 -3.36
C ALA C 8 8.08 16.66 -3.31
N MET C 9 7.85 17.29 -2.16
CA MET C 9 6.78 18.29 -2.06
C MET C 9 7.08 19.48 -2.96
N ASP C 10 8.35 19.85 -3.10
CA ASP C 10 8.75 20.88 -4.05
C ASP C 10 8.27 20.54 -5.45
N THR C 11 8.60 19.34 -5.92
CA THR C 11 8.22 18.92 -7.27
C THR C 11 6.71 19.01 -7.46
N MET C 12 5.93 18.61 -6.45
CA MET C 12 4.48 18.62 -6.59
C MET C 12 3.93 20.05 -6.62
N ILE C 13 4.40 20.90 -5.71
CA ILE C 13 3.92 22.28 -5.69
C ILE C 13 4.34 23.01 -6.96
N ARG C 14 5.57 22.75 -7.43
CA ARG C 14 6.03 23.36 -8.68
C ARG C 14 5.13 22.99 -9.85
N ILE C 15 5.02 21.68 -10.12
CA ILE C 15 4.23 21.20 -11.24
C ILE C 15 2.80 21.69 -11.14
N PHE C 16 2.25 21.73 -9.93
CA PHE C 16 0.90 22.24 -9.73
C PHE C 16 0.76 23.67 -10.25
N HIS C 17 1.73 24.52 -9.97
CA HIS C 17 1.63 25.93 -10.35
C HIS C 17 2.12 26.22 -11.77
N ARG C 18 2.93 25.33 -12.35
CA ARG C 18 3.28 25.49 -13.77
C ARG C 18 2.03 25.52 -14.64
N TYR C 19 0.99 24.79 -14.25
CA TYR C 19 -0.27 24.79 -14.97
C TYR C 19 -1.26 25.81 -14.44
N SER C 20 -0.89 26.54 -13.38
CA SER C 20 -1.67 27.70 -12.94
C SER C 20 -1.42 28.88 -13.86
N GLY C 21 -1.48 28.64 -15.17
CA GLY C 21 -1.27 29.69 -16.15
C GLY C 21 -2.46 30.64 -16.23
N LYS C 22 -2.83 31.21 -15.10
CA LYS C 22 -3.98 32.09 -15.02
C LYS C 22 -3.69 33.14 -13.94
N GLU C 23 -4.71 33.94 -13.63
CA GLU C 23 -4.58 34.98 -12.62
C GLU C 23 -4.90 34.39 -11.25
N ARG C 24 -4.03 33.47 -10.83
CA ARG C 24 -4.32 32.63 -9.67
C ARG C 24 -3.49 33.00 -8.45
N LYS C 25 -2.24 32.52 -8.34
CA LYS C 25 -1.43 32.59 -7.13
C LYS C 25 -1.99 31.66 -6.06
N ARG C 26 -2.65 30.85 -6.46
CA ARG C 26 -3.41 30.09 -5.52
C ARG C 26 -2.74 28.74 -5.42
N PHE C 27 -2.97 28.00 -4.33
CA PHE C 27 -2.85 26.54 -4.24
C PHE C 27 -4.13 25.97 -4.86
N LYS C 28 -4.43 26.40 -6.08
CA LYS C 28 -5.63 25.93 -6.77
C LYS C 28 -5.35 25.67 -8.25
N LEU C 29 -6.38 25.21 -8.98
CA LEU C 29 -6.20 24.94 -10.38
C LEU C 29 -7.58 24.76 -10.99
N SER C 30 -7.74 25.17 -12.24
CA SER C 30 -9.00 24.88 -12.92
C SER C 30 -8.97 23.45 -13.44
N LYS C 31 -10.15 22.82 -13.46
CA LYS C 31 -10.24 21.42 -13.89
C LYS C 31 -9.64 21.22 -15.28
N GLY C 32 -9.84 22.18 -16.18
CA GLY C 32 -9.27 22.08 -17.52
C GLY C 32 -7.75 22.01 -17.49
N GLU C 33 -7.12 22.85 -16.65
CA GLU C 33 -5.67 22.79 -16.51
C GLU C 33 -5.23 21.54 -15.79
N LEU C 34 -6.01 21.06 -14.83
CA LEU C 34 -5.72 19.77 -14.22
C LEU C 34 -5.70 18.66 -15.26
N LYS C 35 -6.65 18.69 -16.19
CA LYS C 35 -6.67 17.72 -17.28
C LYS C 35 -5.39 17.82 -18.11
N LEU C 36 -5.00 19.04 -18.46
CA LEU C 36 -3.73 19.24 -19.15
C LEU C 36 -2.57 18.70 -18.32
N LEU C 37 -2.55 19.03 -17.03
CA LEU C 37 -1.53 18.52 -16.12
C LEU C 37 -1.38 17.01 -16.23
N LEU C 38 -2.50 16.28 -16.13
CA LEU C 38 -2.43 14.82 -16.09
C LEU C 38 -1.99 14.24 -17.43
N GLN C 39 -2.38 14.86 -18.54
CA GLN C 39 -1.98 14.35 -19.84
C GLN C 39 -0.48 14.45 -20.06
N ARG C 40 0.15 15.50 -19.55
CA ARG C 40 1.58 15.73 -19.78
C ARG C 40 2.49 15.19 -18.69
N GLU C 41 1.99 15.05 -17.46
CA GLU C 41 2.85 14.76 -16.32
C GLU C 41 2.70 13.35 -15.77
N LEU C 42 1.85 12.51 -16.37
CA LEU C 42 1.73 11.12 -15.97
C LEU C 42 2.19 10.21 -17.11
N THR C 43 2.67 9.03 -16.74
CA THR C 43 3.17 8.09 -17.73
C THR C 43 2.03 7.56 -18.59
N GLU C 44 2.10 7.83 -19.89
CA GLU C 44 1.16 7.28 -20.87
C GLU C 44 -0.28 7.46 -20.41
N PHE C 45 -0.60 8.68 -19.97
CA PHE C 45 -1.96 8.95 -19.51
C PHE C 45 -2.99 8.77 -20.62
N LEU C 46 -2.67 9.17 -21.86
CA LEU C 46 -3.69 9.11 -22.89
C LEU C 46 -4.07 7.66 -23.20
N SER C 47 -3.09 6.75 -23.23
CA SER C 47 -3.41 5.34 -23.43
C SER C 47 -4.23 4.79 -22.28
N CYS C 48 -3.92 5.20 -21.06
CA CYS C 48 -4.66 4.72 -19.89
C CYS C 48 -6.12 5.14 -19.96
N GLN C 49 -6.38 6.35 -20.46
CA GLN C 49 -7.75 6.86 -20.52
C GLN C 49 -8.62 6.03 -21.44
N LYS C 50 -8.07 5.54 -22.56
CA LYS C 50 -8.85 4.77 -23.52
C LYS C 50 -9.06 3.31 -23.11
N GLU C 51 -8.40 2.83 -22.06
CA GLU C 51 -8.53 1.43 -21.65
C GLU C 51 -9.11 1.25 -20.26
N THR C 52 -9.23 2.31 -19.47
CA THR C 52 -9.76 2.25 -18.11
C THR C 52 -10.98 3.16 -18.04
N GLN C 53 -12.15 2.56 -17.82
CA GLN C 53 -13.40 3.32 -17.77
C GLN C 53 -13.36 4.39 -16.69
N LEU C 54 -12.73 4.08 -15.55
CA LEU C 54 -12.67 5.05 -14.46
C LEU C 54 -11.88 6.28 -14.85
N VAL C 55 -10.77 6.10 -15.57
CA VAL C 55 -9.99 7.25 -16.01
C VAL C 55 -10.78 8.07 -17.02
N ASP C 56 -11.53 7.40 -17.89
CA ASP C 56 -12.30 8.14 -18.89
C ASP C 56 -13.42 8.95 -18.23
N LYS C 57 -14.07 8.39 -17.21
CA LYS C 57 -15.14 9.12 -16.54
C LYS C 57 -14.56 10.21 -15.64
N ILE C 58 -13.34 10.02 -15.14
CA ILE C 58 -12.64 11.12 -14.51
C ILE C 58 -12.48 12.27 -15.49
N VAL C 59 -12.02 11.96 -16.71
CA VAL C 59 -11.77 13.02 -17.69
C VAL C 59 -13.07 13.72 -18.07
N GLN C 60 -14.16 12.96 -18.21
CA GLN C 60 -15.45 13.55 -18.54
C GLN C 60 -15.86 14.60 -17.50
N ASP C 61 -15.64 14.30 -16.22
CA ASP C 61 -15.99 15.25 -15.17
C ASP C 61 -15.13 16.51 -15.24
N LEU C 62 -13.85 16.36 -15.57
CA LEU C 62 -13.00 17.52 -15.78
C LEU C 62 -13.47 18.34 -16.98
N ASP C 63 -13.96 17.67 -18.02
CA ASP C 63 -14.47 18.41 -19.17
C ASP C 63 -15.81 19.06 -18.86
N ALA C 64 -16.60 18.45 -17.97
CA ALA C 64 -17.89 19.02 -17.62
C ALA C 64 -17.74 20.35 -16.89
N ASN C 65 -16.72 20.46 -16.04
CA ASN C 65 -16.53 21.67 -15.23
C ASN C 65 -15.17 22.30 -15.53
N LYS C 66 -14.91 22.57 -16.82
CA LYS C 66 -13.58 23.00 -17.26
C LYS C 66 -13.03 24.17 -16.44
N ASP C 67 -13.88 25.05 -15.95
CA ASP C 67 -13.43 26.26 -15.29
C ASP C 67 -13.65 26.27 -13.78
N ASN C 68 -14.35 25.28 -13.22
CA ASN C 68 -14.35 25.09 -11.77
C ASN C 68 -12.92 24.80 -11.29
N GLU C 69 -12.72 24.93 -9.99
CA GLU C 69 -11.37 24.93 -9.44
C GLU C 69 -11.16 23.78 -8.47
N VAL C 70 -9.96 23.21 -8.49
CA VAL C 70 -9.55 22.16 -7.56
C VAL C 70 -8.53 22.74 -6.60
N ASP C 71 -8.57 22.26 -5.37
CA ASP C 71 -7.53 22.62 -4.40
C ASP C 71 -6.36 21.66 -4.51
N PHE C 72 -5.24 22.05 -3.91
CA PHE C 72 -4.05 21.21 -3.94
C PHE C 72 -4.32 19.84 -3.34
N ASN C 73 -5.20 19.78 -2.34
CA ASN C 73 -5.53 18.51 -1.69
C ASN C 73 -6.13 17.53 -2.70
N GLU C 74 -7.10 17.98 -3.50
CA GLU C 74 -7.72 17.08 -4.46
C GLU C 74 -6.78 16.76 -5.61
N PHE C 75 -5.85 17.66 -5.92
CA PHE C 75 -4.86 17.36 -6.96
C PHE C 75 -3.97 16.19 -6.54
N VAL C 76 -3.54 16.16 -5.27
CA VAL C 76 -2.69 15.05 -4.84
C VAL C 76 -3.48 13.74 -4.78
N VAL C 77 -4.77 13.82 -4.39
CA VAL C 77 -5.62 12.63 -4.42
C VAL C 77 -5.76 12.10 -5.84
N MET C 78 -6.01 13.01 -6.79
CA MET C 78 -6.17 12.63 -8.18
C MET C 78 -4.90 11.96 -8.72
N VAL C 79 -3.75 12.60 -8.51
CA VAL C 79 -2.49 12.03 -9.01
C VAL C 79 -2.24 10.68 -8.38
N ALA C 80 -2.40 10.60 -7.05
CA ALA C 80 -2.19 9.33 -6.36
C ALA C 80 -3.11 8.24 -6.90
N ALA C 81 -4.40 8.55 -7.04
CA ALA C 81 -5.34 7.54 -7.52
C ALA C 81 -5.00 7.10 -8.93
N LEU C 82 -4.55 8.03 -9.78
CA LEU C 82 -4.25 7.69 -11.16
C LEU C 82 -2.97 6.88 -11.26
N THR C 83 -1.94 7.25 -10.49
CA THR C 83 -0.72 6.45 -10.47
C THR C 83 -0.97 5.04 -9.98
N VAL C 84 -2.08 4.82 -9.27
CA VAL C 84 -2.47 3.48 -8.86
C VAL C 84 -3.25 2.79 -9.97
N ALA C 85 -4.22 3.50 -10.55
CA ALA C 85 -5.10 2.90 -11.54
C ALA C 85 -4.41 2.72 -12.89
N CYS C 86 -3.59 3.69 -13.29
CA CYS C 86 -2.94 3.62 -14.60
C CYS C 86 -1.70 2.73 -14.58
N ASN C 87 -0.88 2.88 -13.56
CA ASN C 87 0.31 2.07 -13.38
C ASN C 87 0.16 1.24 -12.11
N ASP C 88 0.57 -0.02 -12.17
CA ASP C 88 0.54 -0.84 -10.96
C ASP C 88 1.57 -0.33 -9.97
N TYR C 89 1.17 0.62 -9.12
CA TYR C 89 2.13 1.26 -8.22
C TYR C 89 2.33 0.48 -6.93
N PHE C 90 1.25 0.11 -6.26
CA PHE C 90 1.35 -0.59 -4.99
C PHE C 90 1.52 -2.09 -5.16
N VAL C 91 0.98 -2.65 -6.26
CA VAL C 91 0.94 -4.09 -6.45
C VAL C 91 2.18 -4.63 -7.15
N GLU C 92 3.13 -3.78 -7.52
CA GLU C 92 4.30 -4.25 -8.22
C GLU C 92 5.32 -4.91 -7.30
N GLN C 93 5.25 -4.62 -6.00
CA GLN C 93 6.12 -5.30 -5.04
C GLN C 93 5.80 -6.79 -4.89
N LEU C 94 4.70 -7.25 -5.48
CA LEU C 94 4.25 -8.63 -5.34
C LEU C 94 4.76 -9.53 -6.46
N LYS C 95 4.60 -9.11 -7.72
CA LYS C 95 5.09 -9.90 -8.84
C LYS C 95 6.54 -9.51 -9.18
N PRO D 2 8.44 6.03 -14.80
CA PRO D 2 8.34 6.91 -13.63
C PRO D 2 8.69 8.35 -13.97
N THR D 3 7.69 9.24 -13.98
CA THR D 3 7.92 10.64 -14.25
C THR D 3 8.27 11.38 -12.97
N GLN D 4 8.56 12.67 -13.10
CA GLN D 4 8.91 13.47 -11.93
C GLN D 4 7.76 13.56 -10.95
N LEU D 5 6.53 13.77 -11.46
CA LEU D 5 5.37 13.88 -10.57
C LEU D 5 5.09 12.55 -9.87
N GLU D 6 5.21 11.43 -10.59
CA GLU D 6 5.02 10.13 -9.96
C GLU D 6 6.14 9.83 -8.97
N MET D 7 7.38 10.20 -9.30
CA MET D 7 8.48 9.96 -8.38
C MET D 7 8.29 10.76 -7.08
N ALA D 8 7.82 12.01 -7.19
CA ALA D 8 7.51 12.77 -5.99
C ALA D 8 6.37 12.14 -5.20
N MET D 9 5.34 11.67 -5.90
CA MET D 9 4.23 11.00 -5.22
C MET D 9 4.69 9.73 -4.52
N ASP D 10 5.64 9.01 -5.13
CA ASP D 10 6.19 7.81 -4.51
C ASP D 10 7.00 8.17 -3.26
N THR D 11 7.89 9.16 -3.38
CA THR D 11 8.68 9.60 -2.23
C THR D 11 7.79 9.96 -1.05
N MET D 12 6.67 10.64 -1.30
CA MET D 12 5.83 11.10 -0.20
C MET D 12 5.10 9.94 0.47
N ILE D 13 4.65 8.96 -0.30
CA ILE D 13 3.96 7.82 0.31
C ILE D 13 4.92 7.01 1.17
N ARG D 14 6.15 6.81 0.68
CA ARG D 14 7.09 6.00 1.43
C ARG D 14 7.52 6.69 2.71
N ILE D 15 7.94 7.97 2.60
CA ILE D 15 8.31 8.73 3.78
C ILE D 15 7.15 8.80 4.77
N PHE D 16 5.92 8.87 4.25
CA PHE D 16 4.75 8.78 5.12
C PHE D 16 4.76 7.49 5.93
N HIS D 17 5.09 6.37 5.30
CA HIS D 17 4.95 5.08 5.97
C HIS D 17 6.22 4.63 6.69
N ARG D 18 7.34 5.32 6.50
CA ARG D 18 8.48 5.11 7.36
C ARG D 18 8.19 5.52 8.80
N TYR D 19 7.17 6.36 9.00
CA TYR D 19 6.71 6.76 10.33
C TYR D 19 5.32 6.21 10.62
N SER D 20 4.88 5.20 9.87
CA SER D 20 3.53 4.68 10.01
C SER D 20 3.31 4.07 11.38
N GLY D 21 4.28 3.31 11.87
CA GLY D 21 4.12 2.63 13.15
C GLY D 21 3.96 1.14 13.01
N LYS D 22 2.85 0.60 13.51
CA LYS D 22 2.69 -0.86 13.54
C LYS D 22 1.31 -1.31 13.06
N GLU D 23 0.35 -1.39 13.98
CA GLU D 23 -0.91 -2.07 13.77
C GLU D 23 -2.03 -1.03 13.65
N ARG D 24 -2.24 -0.55 12.42
CA ARG D 24 -3.19 0.52 12.19
C ARG D 24 -3.63 0.48 10.74
N LYS D 25 -4.71 1.20 10.45
CA LYS D 25 -5.08 1.44 9.07
C LYS D 25 -3.93 2.14 8.35
N ARG D 26 -3.59 1.64 7.17
CA ARG D 26 -2.55 2.27 6.37
C ARG D 26 -3.12 3.50 5.67
N PHE D 27 -2.25 4.51 5.47
CA PHE D 27 -2.60 5.88 5.10
C PHE D 27 -3.20 6.65 6.26
N LYS D 28 -2.98 6.17 7.48
CA LYS D 28 -3.33 6.87 8.69
C LYS D 28 -2.08 7.10 9.52
N LEU D 29 -2.11 8.13 10.33
CA LEU D 29 -0.96 8.47 11.15
C LEU D 29 -1.43 9.39 12.26
N SER D 30 -1.00 9.08 13.47
CA SER D 30 -1.35 9.87 14.64
C SER D 30 -0.53 11.15 14.67
N LYS D 31 -1.12 12.19 15.28
CA LYS D 31 -0.46 13.48 15.35
C LYS D 31 0.90 13.40 16.01
N GLY D 32 1.06 12.51 16.99
CA GLY D 32 2.37 12.31 17.60
C GLY D 32 3.39 11.78 16.61
N GLU D 33 2.97 10.86 15.73
CA GLU D 33 3.88 10.37 14.69
C GLU D 33 4.18 11.45 13.66
N LEU D 34 3.23 12.37 13.43
CA LEU D 34 3.44 13.39 12.43
C LEU D 34 4.59 14.31 12.81
N LYS D 35 4.72 14.63 14.09
CA LYS D 35 5.81 15.51 14.52
C LYS D 35 7.17 14.86 14.32
N LEU D 36 7.31 13.60 14.76
CA LEU D 36 8.57 12.91 14.52
C LEU D 36 8.91 12.92 13.04
N LEU D 37 7.90 12.72 12.18
CA LEU D 37 8.11 12.87 10.74
C LEU D 37 8.61 14.27 10.42
N LEU D 38 7.90 15.29 10.91
CA LEU D 38 8.18 16.67 10.49
C LEU D 38 9.55 17.13 10.98
N GLN D 39 9.85 16.94 12.27
CA GLN D 39 11.12 17.44 12.80
C GLN D 39 12.30 16.71 12.19
N ARG D 40 12.10 15.46 11.75
CA ARG D 40 13.16 14.65 11.16
C ARG D 40 13.26 14.81 9.65
N GLU D 41 12.14 15.02 8.96
CA GLU D 41 12.13 15.00 7.50
C GLU D 41 12.06 16.38 6.87
N LEU D 42 12.21 17.45 7.65
CA LEU D 42 12.31 18.79 7.09
C LEU D 42 13.51 19.50 7.69
N THR D 43 14.13 20.37 6.90
CA THR D 43 15.38 21.01 7.29
C THR D 43 15.13 22.05 8.37
N GLU D 44 15.85 21.91 9.49
CA GLU D 44 15.86 22.90 10.57
C GLU D 44 14.45 23.21 11.07
N PHE D 45 13.63 22.16 11.17
CA PHE D 45 12.20 22.37 11.43
C PHE D 45 11.98 23.03 12.79
N LEU D 46 12.69 22.57 13.82
CA LEU D 46 12.47 23.13 15.15
C LEU D 46 12.93 24.58 15.22
N SER D 47 13.91 24.96 14.40
CA SER D 47 14.26 26.38 14.31
C SER D 47 13.15 27.17 13.66
N CYS D 48 12.55 26.63 12.59
CA CYS D 48 11.44 27.28 11.92
C CYS D 48 10.22 27.33 12.83
N GLN D 49 9.97 26.27 13.60
CA GLN D 49 8.80 26.25 14.47
C GLN D 49 8.89 27.33 15.54
N LYS D 50 10.08 27.55 16.07
CA LYS D 50 10.27 28.49 17.16
C LYS D 50 10.14 29.94 16.68
N GLU D 51 10.29 30.20 15.39
CA GLU D 51 10.33 31.55 14.85
C GLU D 51 9.13 31.91 13.99
N THR D 52 8.23 30.98 13.70
CA THR D 52 7.11 31.24 12.81
C THR D 52 5.80 30.93 13.51
N GLN D 53 4.89 31.90 13.49
CA GLN D 53 3.62 31.73 14.20
C GLN D 53 2.82 30.59 13.57
N LEU D 54 2.64 30.63 12.24
CA LEU D 54 1.90 29.58 11.55
C LEU D 54 2.40 28.18 11.89
N VAL D 55 3.72 27.97 11.81
CA VAL D 55 4.28 26.65 12.12
C VAL D 55 4.06 26.31 13.59
N ASP D 56 4.21 27.31 14.46
CA ASP D 56 4.05 27.06 15.90
C ASP D 56 2.63 26.61 16.23
N LYS D 57 1.62 27.30 15.68
CA LYS D 57 0.25 26.96 16.04
C LYS D 57 -0.19 25.63 15.42
N ILE D 58 0.39 25.24 14.28
CA ILE D 58 0.05 23.93 13.72
C ILE D 58 0.59 22.82 14.61
N VAL D 59 1.80 23.00 15.15
CA VAL D 59 2.35 21.99 16.05
C VAL D 59 1.58 21.95 17.37
N GLN D 60 1.07 23.09 17.83
CA GLN D 60 0.28 23.11 19.06
C GLN D 60 -0.93 22.19 18.95
N ASP D 61 -1.65 22.26 17.83
CA ASP D 61 -2.80 21.38 17.63
C ASP D 61 -2.40 19.92 17.56
N LEU D 62 -1.21 19.63 17.01
CA LEU D 62 -0.73 18.26 16.96
C LEU D 62 -0.52 17.71 18.36
N ASP D 63 -0.06 18.55 19.29
CA ASP D 63 0.23 18.07 20.64
C ASP D 63 -1.01 17.97 21.50
N ALA D 64 -1.95 18.91 21.36
CA ALA D 64 -3.19 18.84 22.11
C ALA D 64 -3.93 17.54 21.81
N ASN D 65 -3.87 17.08 20.57
CA ASN D 65 -4.54 15.86 20.14
C ASN D 65 -3.52 14.79 19.77
N LYS D 66 -2.65 14.45 20.73
CA LYS D 66 -1.52 13.56 20.47
C LYS D 66 -1.96 12.22 19.91
N ASP D 67 -3.11 11.71 20.35
CA ASP D 67 -3.55 10.38 19.94
C ASP D 67 -4.64 10.39 18.88
N ASN D 68 -5.29 11.53 18.64
CA ASN D 68 -6.11 11.65 17.44
C ASN D 68 -5.23 11.46 16.21
N GLU D 69 -5.83 10.97 15.14
CA GLU D 69 -5.06 10.50 13.99
C GLU D 69 -5.42 11.29 12.74
N VAL D 70 -4.47 11.33 11.82
CA VAL D 70 -4.49 12.22 10.67
C VAL D 70 -4.43 11.39 9.39
N ASP D 71 -5.26 11.74 8.41
CA ASP D 71 -5.32 11.02 7.15
C ASP D 71 -4.27 11.56 6.17
N PHE D 72 -4.16 10.91 5.02
CA PHE D 72 -3.10 11.28 4.08
C PHE D 72 -3.37 12.64 3.44
N ASN D 73 -4.64 12.95 3.18
CA ASN D 73 -4.98 14.28 2.68
C ASN D 73 -4.50 15.36 3.63
N GLU D 74 -4.78 15.20 4.92
CA GLU D 74 -4.35 16.18 5.92
C GLU D 74 -2.83 16.30 5.93
N PHE D 75 -2.13 15.18 5.82
CA PHE D 75 -0.67 15.21 5.86
C PHE D 75 -0.10 15.99 4.68
N VAL D 76 -0.71 15.85 3.49
CA VAL D 76 -0.23 16.57 2.32
C VAL D 76 -0.52 18.07 2.43
N VAL D 77 -1.67 18.43 3.02
CA VAL D 77 -2.02 19.84 3.17
C VAL D 77 -1.04 20.54 4.12
N MET D 78 -0.72 19.90 5.24
CA MET D 78 0.16 20.53 6.22
C MET D 78 1.59 20.67 5.70
N VAL D 79 2.15 19.58 5.15
CA VAL D 79 3.53 19.62 4.65
C VAL D 79 3.69 20.72 3.63
N ALA D 80 2.72 20.82 2.70
CA ALA D 80 2.72 21.91 1.74
C ALA D 80 2.78 23.27 2.42
N ALA D 81 1.97 23.45 3.47
CA ALA D 81 1.99 24.73 4.18
C ALA D 81 3.32 24.93 4.91
N LEU D 82 3.83 23.87 5.55
CA LEU D 82 5.02 24.01 6.37
C LEU D 82 6.25 24.30 5.50
N THR D 83 6.45 23.53 4.42
CA THR D 83 7.55 23.83 3.51
C THR D 83 7.50 25.27 3.02
N VAL D 84 6.32 25.76 2.64
CA VAL D 84 6.21 27.13 2.15
C VAL D 84 6.51 28.13 3.25
N ALA D 85 5.95 27.94 4.44
CA ALA D 85 6.19 28.86 5.54
C ALA D 85 7.66 28.90 5.94
N CYS D 86 8.28 27.71 6.09
CA CYS D 86 9.68 27.68 6.50
C CYS D 86 10.63 28.22 5.42
N ASN D 87 10.29 28.06 4.15
CA ASN D 87 11.14 28.61 3.10
C ASN D 87 11.14 30.14 3.15
N ASP D 88 10.00 30.75 3.47
CA ASP D 88 9.97 32.18 3.72
C ASP D 88 10.85 32.54 4.92
N TYR D 89 10.88 31.69 5.94
CA TYR D 89 11.70 31.95 7.11
C TYR D 89 13.18 31.88 6.76
N PHE D 90 13.58 30.89 5.95
CA PHE D 90 14.98 30.76 5.57
C PHE D 90 15.43 31.90 4.66
N VAL D 91 14.54 32.37 3.77
CA VAL D 91 14.94 33.40 2.80
C VAL D 91 15.20 34.73 3.50
N GLU D 92 14.34 35.12 4.43
CA GLU D 92 14.57 36.39 5.11
C GLU D 92 15.65 36.28 6.17
N GLN D 93 15.86 35.09 6.74
CA GLN D 93 17.01 34.88 7.62
C GLN D 93 18.32 35.00 6.86
N LEU D 94 18.30 34.90 5.53
CA LEU D 94 19.46 35.23 4.72
C LEU D 94 19.63 36.73 4.56
N LYS D 95 18.53 37.46 4.28
CA LYS D 95 18.62 38.91 4.13
C LYS D 95 19.06 39.60 5.42
N LYS D 96 18.82 38.97 6.58
CA LYS D 96 19.27 39.51 7.85
C LYS D 96 20.74 39.20 8.11
N LYS D 97 21.20 38.02 7.67
CA LYS D 97 22.54 37.54 7.97
C LYS D 97 23.60 38.37 7.25
#